data_1KV0
#
_entry.id   1KV0
#
_cell.length_a   32.758
_cell.length_b   32.758
_cell.length_c   176.822
_cell.angle_alpha   90.00
_cell.angle_beta   90.00
_cell.angle_gamma   120.00
#
_symmetry.space_group_name_H-M   'P 31 2 1'
#
loop_
_entity.id
_entity.type
_entity.pdbx_description
1 polymer 'Alpha-like toxin BmK-M7'
2 water water
#
_entity_poly.entity_id   1
_entity_poly.type   'polypeptide(L)'
_entity_poly.pdbx_seq_one_letter_code
;VRDGYIALPHNCAYGCLNNEYCNNLCTKDGAKIGYCNIVGKYGNACWCIQLPDNVPIRVPGRCHPA
;
_entity_poly.pdbx_strand_id   A,B
#
# COMPACT_ATOMS: atom_id res chain seq x y z
N VAL A 1 -15.55 -5.12 9.67
CA VAL A 1 -14.69 -4.90 8.46
C VAL A 1 -13.30 -5.33 8.78
N ARG A 2 -12.48 -5.59 7.73
CA ARG A 2 -11.10 -5.94 7.92
C ARG A 2 -10.30 -5.60 6.69
N ASP A 3 -8.99 -5.69 6.85
CA ASP A 3 -8.03 -5.42 5.80
C ASP A 3 -7.44 -6.74 5.37
N GLY A 4 -7.06 -6.80 4.11
CA GLY A 4 -6.34 -7.98 3.63
C GLY A 4 -6.21 -8.04 2.14
N TYR A 5 -5.49 -9.04 1.66
CA TYR A 5 -5.45 -9.30 0.24
C TYR A 5 -6.73 -9.98 -0.20
N ILE A 6 -7.56 -9.30 -0.96
CA ILE A 6 -8.81 -9.89 -1.40
C ILE A 6 -8.48 -11.15 -2.23
N ALA A 7 -9.25 -12.20 -2.01
CA ALA A 7 -8.95 -13.50 -2.62
C ALA A 7 -9.83 -13.84 -3.78
N LEU A 8 -9.20 -14.49 -4.76
CA LEU A 8 -9.84 -15.18 -5.89
C LEU A 8 -10.07 -16.61 -5.40
N PRO A 9 -11.14 -17.30 -5.76
CA PRO A 9 -11.35 -18.67 -5.27
C PRO A 9 -10.28 -19.65 -5.70
N HIS A 10 -9.66 -20.41 -4.81
CA HIS A 10 -9.71 -20.34 -3.35
C HIS A 10 -8.32 -20.03 -2.80
N ASN A 11 -8.25 -18.96 -2.02
CA ASN A 11 -7.01 -18.52 -1.41
C ASN A 11 -5.94 -18.03 -2.36
N CYS A 12 -6.34 -17.45 -3.49
CA CYS A 12 -5.41 -16.92 -4.48
C CYS A 12 -5.47 -15.38 -4.48
N ALA A 13 -4.36 -14.72 -4.60
CA ALA A 13 -4.39 -13.26 -4.59
C ALA A 13 -4.51 -12.72 -5.99
N TYR A 14 -4.93 -11.44 -6.08
CA TYR A 14 -4.97 -10.72 -7.33
C TYR A 14 -3.67 -9.98 -7.55
N GLY A 15 -2.88 -10.44 -8.49
CA GLY A 15 -1.67 -9.78 -8.82
C GLY A 15 -1.96 -8.46 -9.50
N CYS A 16 -1.08 -7.48 -9.35
CA CYS A 16 -1.35 -6.14 -9.81
C CYS A 16 -0.08 -5.41 -10.24
N LEU A 17 -0.28 -4.47 -11.13
CA LEU A 17 0.78 -3.54 -11.53
C LEU A 17 0.45 -2.11 -11.17
N ASN A 18 -0.83 -1.85 -10.87
CA ASN A 18 -1.35 -0.52 -10.73
C ASN A 18 -2.16 -0.38 -9.44
N ASN A 19 -1.92 0.67 -8.67
CA ASN A 19 -2.81 0.98 -7.52
C ASN A 19 -4.26 1.23 -7.95
N GLU A 20 -4.44 1.85 -9.12
CA GLU A 20 -5.78 2.21 -9.65
C GLU A 20 -6.64 0.99 -9.79
N TYR A 21 -6.06 -0.09 -10.27
CA TYR A 21 -6.78 -1.34 -10.42
C TYR A 21 -7.24 -1.81 -9.05
N CYS A 22 -6.32 -1.86 -8.10
CA CYS A 22 -6.68 -2.40 -6.78
C CYS A 22 -7.72 -1.53 -6.12
N ASN A 23 -7.67 -0.25 -6.36
CA ASN A 23 -8.70 0.61 -5.78
C ASN A 23 -10.07 0.29 -6.38
N ASN A 24 -10.12 0.09 -7.70
CA ASN A 24 -11.37 -0.28 -8.36
C ASN A 24 -11.92 -1.62 -7.84
N LEU A 25 -11.07 -2.63 -7.83
CA LEU A 25 -11.40 -3.96 -7.37
C LEU A 25 -11.89 -3.98 -5.92
N CYS A 26 -11.11 -3.38 -5.04
CA CYS A 26 -11.44 -3.36 -3.64
C CYS A 26 -12.75 -2.62 -3.38
N THR A 27 -12.90 -1.43 -3.96
CA THR A 27 -14.12 -0.64 -3.69
C THR A 27 -15.35 -1.30 -4.26
N LYS A 28 -15.25 -1.97 -5.41
CA LYS A 28 -16.43 -2.67 -5.96
C LYS A 28 -16.88 -3.79 -5.01
N ASP A 29 -15.92 -4.33 -4.25
CA ASP A 29 -16.18 -5.37 -3.25
C ASP A 29 -16.52 -4.81 -1.88
N GLY A 30 -16.67 -3.50 -1.78
CA GLY A 30 -17.16 -2.84 -0.61
C GLY A 30 -16.16 -2.22 0.31
N ALA A 31 -14.86 -2.33 -0.03
CA ALA A 31 -13.82 -1.68 0.73
C ALA A 31 -13.83 -0.18 0.59
N LYS A 32 -13.16 0.46 1.53
CA LYS A 32 -12.92 1.91 1.43
C LYS A 32 -11.94 2.32 0.33
N ILE A 33 -10.89 1.53 0.16
CA ILE A 33 -9.81 1.85 -0.79
C ILE A 33 -8.99 0.57 -0.95
N GLY A 34 -8.15 0.53 -1.95
CA GLY A 34 -7.24 -0.59 -2.13
C GLY A 34 -5.95 -0.10 -2.73
N TYR A 35 -4.90 -0.88 -2.52
CA TYR A 35 -3.54 -0.55 -2.98
C TYR A 35 -2.92 -1.75 -3.61
N CYS A 36 -2.01 -1.50 -4.52
CA CYS A 36 -1.22 -2.58 -5.09
C CYS A 36 0.04 -2.68 -4.21
N ASN A 37 0.06 -3.72 -3.40
CA ASN A 37 0.92 -3.84 -2.22
C ASN A 37 1.94 -4.91 -2.39
N ILE A 38 3.14 -4.71 -1.88
CA ILE A 38 4.15 -5.69 -2.06
C ILE A 38 3.76 -7.01 -1.38
N VAL A 39 4.08 -8.01 -2.20
CA VAL A 39 4.25 -9.45 -2.10
C VAL A 39 3.31 -10.35 -1.47
N GLY A 40 2.03 -10.04 -1.67
CA GLY A 40 0.98 -10.94 -1.24
C GLY A 40 1.03 -12.14 -2.16
N LYS A 41 1.40 -11.80 -3.40
CA LYS A 41 1.72 -12.69 -4.50
C LYS A 41 3.19 -12.37 -4.82
N TYR A 42 3.91 -13.26 -5.52
CA TYR A 42 5.28 -12.97 -5.94
C TYR A 42 5.16 -11.70 -6.80
N GLY A 43 5.70 -10.57 -6.32
CA GLY A 43 5.48 -9.27 -6.95
C GLY A 43 4.61 -8.44 -6.03
N ASN A 44 3.45 -8.04 -6.51
CA ASN A 44 2.52 -7.22 -5.74
C ASN A 44 1.13 -7.79 -5.91
N ALA A 45 0.27 -7.58 -4.91
CA ALA A 45 -1.12 -8.01 -4.96
C ALA A 45 -2.03 -6.97 -4.33
N CYS A 46 -3.31 -7.00 -4.68
CA CYS A 46 -4.25 -6.03 -4.16
C CYS A 46 -4.58 -6.25 -2.70
N TRP A 47 -4.35 -5.20 -1.90
CA TRP A 47 -4.67 -5.16 -0.50
C TRP A 47 -5.76 -4.15 -0.30
N CYS A 48 -6.84 -4.60 0.30
CA CYS A 48 -8.03 -3.78 0.51
C CYS A 48 -8.15 -3.35 1.96
N ILE A 49 -8.63 -2.14 2.16
CA ILE A 49 -8.82 -1.54 3.45
C ILE A 49 -10.31 -1.52 3.79
N GLN A 50 -10.67 -2.09 4.93
CA GLN A 50 -12.04 -2.11 5.45
C GLN A 50 -13.01 -2.75 4.51
N LEU A 51 -12.61 -3.93 4.05
CA LEU A 51 -13.51 -4.83 3.33
C LEU A 51 -14.62 -5.31 4.27
N PRO A 52 -15.81 -5.53 3.77
CA PRO A 52 -16.82 -6.20 4.57
C PRO A 52 -16.29 -7.55 5.06
N ASP A 53 -16.63 -7.94 6.28
CA ASP A 53 -16.15 -9.20 6.85
C ASP A 53 -16.46 -10.44 6.02
N ASN A 54 -17.55 -10.42 5.27
CA ASN A 54 -17.96 -11.56 4.46
C ASN A 54 -17.25 -11.76 3.13
N VAL A 55 -16.30 -10.88 2.80
CA VAL A 55 -15.52 -11.06 1.61
C VAL A 55 -14.20 -11.77 1.95
N PRO A 56 -13.91 -12.92 1.34
CA PRO A 56 -12.72 -13.68 1.70
C PRO A 56 -11.42 -12.96 1.34
N ILE A 57 -10.44 -13.18 2.20
CA ILE A 57 -9.10 -12.67 2.02
C ILE A 57 -8.10 -13.85 2.03
N ARG A 58 -6.91 -13.60 1.52
CA ARG A 58 -5.86 -14.61 1.54
C ARG A 58 -5.38 -14.86 2.97
N VAL A 59 -5.11 -16.13 3.26
CA VAL A 59 -4.50 -16.55 4.51
C VAL A 59 -3.27 -17.35 4.16
N PRO A 60 -2.35 -17.56 5.08
CA PRO A 60 -1.18 -18.37 4.74
C PRO A 60 -1.61 -19.75 4.28
N GLY A 61 -0.96 -20.25 3.25
CA GLY A 61 -1.32 -21.54 2.70
C GLY A 61 -1.32 -21.45 1.18
N ARG A 62 -1.73 -22.52 0.57
CA ARG A 62 -1.71 -22.66 -0.89
C ARG A 62 -2.91 -21.97 -1.57
N CYS A 63 -2.66 -21.49 -2.79
CA CYS A 63 -3.67 -21.07 -3.74
C CYS A 63 -4.20 -22.29 -4.48
N HIS A 64 -5.50 -22.53 -4.38
CA HIS A 64 -6.16 -23.64 -5.04
C HIS A 64 -7.12 -23.02 -6.06
N PRO A 65 -6.67 -22.77 -7.28
CA PRO A 65 -7.57 -22.09 -8.23
C PRO A 65 -8.81 -22.90 -8.61
N ALA A 66 -9.98 -22.31 -8.52
CA ALA A 66 -11.23 -22.90 -8.96
C ALA A 66 -11.29 -22.80 -10.45
N VAL B 1 -4.39 16.06 8.74
CA VAL B 1 -3.95 14.67 8.48
C VAL B 1 -4.25 14.40 7.00
N ARG B 2 -3.42 13.60 6.34
CA ARG B 2 -3.68 13.18 4.95
C ARG B 2 -2.84 11.96 4.66
N ASP B 3 -3.15 11.30 3.55
CA ASP B 3 -2.42 10.08 3.17
C ASP B 3 -1.41 10.47 2.09
N GLY B 4 -0.28 9.80 2.08
CA GLY B 4 0.71 10.08 1.05
C GLY B 4 2.01 9.34 1.25
N TYR B 5 2.91 9.52 0.33
CA TYR B 5 4.26 8.95 0.44
C TYR B 5 5.07 9.84 1.37
N ILE B 6 5.40 9.37 2.56
CA ILE B 6 6.24 10.12 3.49
C ILE B 6 7.55 10.49 2.79
N ALA B 7 8.01 11.73 2.95
CA ALA B 7 9.10 12.22 2.10
C ALA B 7 10.40 12.42 2.80
N LEU B 8 11.47 12.16 2.07
N LEU B 8 11.46 12.11 2.08
CA LEU B 8 12.86 12.48 2.45
CA LEU B 8 12.83 12.36 2.49
C LEU B 8 13.29 13.65 1.57
C LEU B 8 13.21 13.71 1.89
N PRO B 9 14.06 14.61 2.08
N PRO B 9 14.12 14.41 2.54
CA PRO B 9 14.48 15.72 1.21
CA PRO B 9 14.59 15.72 2.07
C PRO B 9 15.31 15.17 0.06
C PRO B 9 14.50 15.98 0.56
N HIS B 10 15.14 15.70 -1.15
N HIS B 10 13.71 16.98 0.23
CA HIS B 10 14.18 16.75 -1.42
CA HIS B 10 13.50 17.44 -1.15
C HIS B 10 13.08 16.25 -2.35
C HIS B 10 12.84 16.43 -2.09
N ASN B 11 11.95 15.94 -1.74
N ASN B 11 11.55 16.24 -1.88
CA ASN B 11 10.79 15.46 -2.43
CA ASN B 11 10.68 15.43 -2.71
C ASN B 11 10.99 14.04 -2.97
C ASN B 11 11.13 14.03 -3.09
N CYS B 12 11.64 13.23 -2.16
CA CYS B 12 12.01 11.85 -2.48
C CYS B 12 11.21 10.91 -1.61
N ALA B 13 10.86 9.76 -2.13
CA ALA B 13 10.10 8.81 -1.34
C ALA B 13 11.06 7.80 -0.70
N TYR B 14 10.58 7.13 0.32
CA TYR B 14 11.31 6.03 0.94
C TYR B 14 11.02 4.74 0.22
N GLY B 15 11.99 4.21 -0.52
CA GLY B 15 11.89 2.91 -1.11
C GLY B 15 11.75 1.84 -0.07
N CYS B 16 11.12 0.74 -0.45
CA CYS B 16 10.85 -0.31 0.51
C CYS B 16 10.75 -1.68 -0.12
N LEU B 17 10.96 -2.69 0.72
CA LEU B 17 10.80 -4.09 0.36
C LEU B 17 9.79 -4.82 1.21
N ASN B 18 9.48 -4.30 2.37
CA ASN B 18 8.54 -4.95 3.29
C ASN B 18 7.58 -3.92 3.88
N ASN B 19 6.36 -4.35 4.10
CA ASN B 19 5.39 -3.55 4.78
C ASN B 19 5.78 -3.16 6.21
N GLU B 20 6.45 -4.07 6.91
CA GLU B 20 6.83 -3.84 8.32
C GLU B 20 7.59 -2.51 8.48
N TYR B 21 8.53 -2.31 7.59
CA TYR B 21 9.31 -1.10 7.60
C TYR B 21 8.46 0.13 7.44
N CYS B 22 7.63 0.16 6.40
CA CYS B 22 6.76 1.31 6.19
C CYS B 22 5.82 1.54 7.34
N ASN B 23 5.30 0.46 7.92
CA ASN B 23 4.42 0.64 9.08
C ASN B 23 5.17 1.29 10.25
N ASN B 24 6.39 0.85 10.47
CA ASN B 24 7.18 1.39 11.58
C ASN B 24 7.46 2.87 11.33
N LEU B 25 7.94 3.16 10.14
CA LEU B 25 8.31 4.51 9.74
C LEU B 25 7.11 5.48 9.85
N CYS B 26 5.97 5.05 9.32
CA CYS B 26 4.81 5.89 9.31
C CYS B 26 4.28 6.09 10.73
N THR B 27 4.14 5.00 11.49
CA THR B 27 3.56 5.16 12.82
C THR B 27 4.44 5.94 13.79
N LYS B 28 5.76 5.78 13.68
CA LYS B 28 6.66 6.57 14.54
C LYS B 28 6.53 8.07 14.29
N ASP B 29 6.07 8.41 13.08
CA ASP B 29 5.84 9.78 12.67
C ASP B 29 4.40 10.23 12.88
N GLY B 30 3.59 9.39 13.53
CA GLY B 30 2.22 9.77 13.89
C GLY B 30 1.11 9.31 12.98
N ALA B 31 1.45 8.59 11.90
CA ALA B 31 0.41 8.05 11.04
C ALA B 31 -0.33 6.89 11.70
N LYS B 32 -1.50 6.57 11.17
CA LYS B 32 -2.24 5.41 11.64
C LYS B 32 -1.58 4.08 11.31
N ILE B 33 -1.05 3.99 10.11
CA ILE B 33 -0.50 2.75 9.56
C ILE B 33 0.29 3.10 8.31
N GLY B 34 1.14 2.19 7.87
CA GLY B 34 1.87 2.37 6.62
C GLY B 34 1.99 1.09 5.84
N TYR B 35 2.17 1.26 4.55
CA TYR B 35 2.24 0.15 3.60
C TYR B 35 3.32 0.39 2.57
N CYS B 36 3.92 -0.68 2.07
CA CYS B 36 4.89 -0.65 0.98
C CYS B 36 4.18 -0.97 -0.32
N ASN B 37 3.84 0.10 -1.02
CA ASN B 37 3.02 0.02 -2.23
C ASN B 37 3.77 0.41 -3.48
N ILE B 38 3.23 0.00 -4.61
CA ILE B 38 3.75 0.36 -5.90
C ILE B 38 3.86 1.83 -6.01
N VAL B 39 4.97 2.27 -6.59
CA VAL B 39 5.14 3.68 -6.88
C VAL B 39 5.89 3.84 -8.19
N GLY B 40 5.53 3.09 -9.22
CA GLY B 40 6.18 3.27 -10.50
C GLY B 40 6.82 2.04 -11.11
N LYS B 41 7.78 2.28 -12.03
CA LYS B 41 8.46 1.20 -12.76
C LYS B 41 9.41 0.46 -11.82
N TYR B 42 9.16 -0.83 -11.63
CA TYR B 42 9.90 -1.66 -10.68
C TYR B 42 10.40 -0.86 -9.48
N GLY B 43 9.48 -0.61 -8.56
CA GLY B 43 9.81 0.07 -7.33
C GLY B 43 8.57 0.22 -6.48
N ASN B 44 8.81 0.13 -5.18
CA ASN B 44 7.78 0.33 -4.18
C ASN B 44 8.25 1.40 -3.22
N ALA B 45 7.31 2.11 -2.60
CA ALA B 45 7.63 3.14 -1.62
C ALA B 45 6.63 3.16 -0.49
N CYS B 46 7.00 3.77 0.62
CA CYS B 46 6.15 3.78 1.78
C CYS B 46 5.05 4.79 1.69
N TRP B 47 3.85 4.30 1.87
CA TRP B 47 2.61 5.11 1.84
C TRP B 47 2.05 5.12 3.25
N CYS B 48 1.81 6.30 3.83
CA CYS B 48 1.29 6.41 5.16
C CYS B 48 -0.17 6.87 5.14
N ILE B 49 -0.96 6.32 6.03
CA ILE B 49 -2.36 6.68 6.13
C ILE B 49 -2.52 7.62 7.32
N GLN B 50 -3.16 8.77 7.07
CA GLN B 50 -3.45 9.78 8.09
C GLN B 50 -2.19 10.28 8.78
N LEU B 51 -1.26 10.70 7.95
CA LEU B 51 -0.01 11.28 8.42
C LEU B 51 -0.30 12.73 8.81
N PRO B 52 0.11 13.12 10.02
CA PRO B 52 -0.12 14.49 10.48
C PRO B 52 0.57 15.51 9.61
N ASP B 53 0.01 16.72 9.61
CA ASP B 53 0.40 17.77 8.67
C ASP B 53 1.75 18.43 8.95
N ASN B 54 2.38 18.10 10.06
CA ASN B 54 3.76 18.51 10.32
C ASN B 54 4.81 17.64 9.66
N VAL B 55 4.40 16.54 9.02
CA VAL B 55 5.36 15.63 8.39
C VAL B 55 5.19 15.73 6.87
N PRO B 56 6.23 16.10 6.12
CA PRO B 56 6.08 16.23 4.66
C PRO B 56 5.78 14.94 3.94
N ILE B 57 4.96 15.07 2.89
CA ILE B 57 4.75 13.98 1.91
C ILE B 57 5.22 14.45 0.55
N ARG B 58 5.39 13.49 -0.34
CA ARG B 58 5.76 13.79 -1.70
C ARG B 58 4.68 14.55 -2.43
N VAL B 59 5.12 15.48 -3.26
CA VAL B 59 4.23 16.20 -4.15
C VAL B 59 4.77 16.03 -5.57
N PRO B 60 3.99 16.38 -6.58
CA PRO B 60 4.45 16.21 -7.97
C PRO B 60 5.76 16.91 -8.23
N GLY B 61 6.64 16.28 -8.99
CA GLY B 61 7.96 16.81 -9.25
C GLY B 61 9.01 15.75 -8.98
N ARG B 62 10.21 16.00 -9.45
CA ARG B 62 11.27 15.02 -9.26
C ARG B 62 11.85 15.04 -7.87
N CYS B 63 12.44 13.92 -7.52
CA CYS B 63 13.21 13.78 -6.32
C CYS B 63 14.54 14.49 -6.61
N HIS B 64 14.94 15.39 -5.73
CA HIS B 64 16.22 16.07 -5.86
C HIS B 64 17.08 15.51 -4.75
N PRO B 65 18.08 14.71 -5.10
CA PRO B 65 18.93 13.99 -4.15
C PRO B 65 19.52 14.89 -3.06
N ALA B 66 19.39 14.42 -1.82
CA ALA B 66 19.84 15.12 -0.60
C ALA B 66 18.98 16.30 -0.23
#